data_8KA7
#
_entry.id   8KA7
#
_cell.length_a   79.553
_cell.length_b   79.553
_cell.length_c   92.143
_cell.angle_alpha   90.000
_cell.angle_beta   90.000
_cell.angle_gamma   90.000
#
_symmetry.space_group_name_H-M   'I 41 2 2'
#
loop_
_entity.id
_entity.type
_entity.pdbx_description
1 polymer 'De novo design protein -NB7'
2 water water
#
_entity_poly.entity_id   1
_entity_poly.type   'polypeptide(L)'
_entity_poly.pdbx_seq_one_letter_code
;GAIKIEIPPDAPPQAVADAAVAALRAADPGAARRRVTFDVTGPDAARVQALADAVVAALEREGFKLEKKEENTDAAGNAG
AKYEGEGGLVLNVKQGPEALTLKITVDGRTIVEIVRLEHHHHHH
;
_entity_poly.pdbx_strand_id   A
#
# COMPACT_ATOMS: atom_id res chain seq x y z
N ALA A 2 -7.47 5.10 13.93
CA ALA A 2 -6.51 5.31 12.84
C ALA A 2 -5.12 5.44 13.43
N ILE A 3 -4.13 5.03 12.65
CA ILE A 3 -2.75 5.06 13.10
C ILE A 3 -1.89 5.68 12.02
N LYS A 4 -0.99 6.59 12.42
CA LYS A 4 0.03 7.10 11.52
C LYS A 4 1.39 6.80 12.10
N ILE A 5 2.27 6.29 11.27
CA ILE A 5 3.61 5.88 11.68
C ILE A 5 4.61 6.66 10.86
N GLU A 6 5.63 7.17 11.52
CA GLU A 6 6.80 7.69 10.83
C GLU A 6 7.91 6.66 10.99
N ILE A 7 8.45 6.21 9.87
CA ILE A 7 9.34 5.04 9.88
C ILE A 7 10.72 5.49 9.39
N PRO A 8 11.82 5.08 10.03
CA PRO A 8 13.12 5.63 9.65
C PRO A 8 13.42 5.39 8.20
N PRO A 9 14.15 6.32 7.55
CA PRO A 9 14.31 6.25 6.10
C PRO A 9 15.11 5.05 5.64
N ASP A 10 15.71 4.31 6.57
CA ASP A 10 16.52 3.13 6.28
C ASP A 10 15.76 1.82 6.48
N ALA A 11 14.51 1.87 6.93
CA ALA A 11 13.73 0.64 7.10
C ALA A 11 13.44 0.04 5.73
N PRO A 12 13.72 -1.24 5.52
CA PRO A 12 13.52 -1.84 4.20
C PRO A 12 12.05 -1.97 3.88
N PRO A 13 11.68 -2.08 2.61
CA PRO A 13 10.24 -2.12 2.28
C PRO A 13 9.48 -3.23 3.00
N GLN A 14 10.04 -4.43 3.17
CA GLN A 14 9.27 -5.47 3.86
C GLN A 14 8.97 -5.08 5.30
N ALA A 15 9.88 -4.39 5.98
CA ALA A 15 9.58 -3.90 7.32
C ALA A 15 8.47 -2.87 7.29
N VAL A 16 8.43 -2.05 6.26
CA VAL A 16 7.36 -1.06 6.15
C VAL A 16 6.03 -1.74 5.90
N ALA A 17 5.98 -2.67 4.93
CA ALA A 17 4.73 -3.38 4.67
C ALA A 17 4.26 -4.16 5.90
N ASP A 18 5.19 -4.82 6.59
CA ASP A 18 4.77 -5.62 7.74
C ASP A 18 4.25 -4.74 8.86
N ALA A 19 4.86 -3.55 9.05
CA ALA A 19 4.36 -2.62 10.04
C ALA A 19 2.94 -2.17 9.71
N ALA A 20 2.66 -1.95 8.42
CA ALA A 20 1.33 -1.50 8.03
C ALA A 20 0.29 -2.59 8.27
N VAL A 21 0.63 -3.84 7.93
CA VAL A 21 -0.31 -4.92 8.16
C VAL A 21 -0.55 -5.12 9.66
N ALA A 22 0.51 -5.00 10.48
CA ALA A 22 0.33 -5.12 11.92
C ALA A 22 -0.49 -3.96 12.48
N ALA A 23 -0.21 -2.74 12.00
CA ALA A 23 -1.03 -1.59 12.38
C ALA A 23 -2.49 -1.79 12.01
N LEU A 24 -2.72 -2.32 10.81
CA LEU A 24 -4.09 -2.59 10.40
C LEU A 24 -4.76 -3.58 11.33
N ARG A 25 -4.04 -4.63 11.71
CA ARG A 25 -4.66 -5.61 12.62
C ARG A 25 -4.96 -4.98 13.98
N ALA A 26 -4.12 -4.06 14.42
CA ALA A 26 -4.35 -3.42 15.71
C ALA A 26 -5.52 -2.45 15.65
N ALA A 27 -5.70 -1.80 14.51
CA ALA A 27 -6.75 -0.79 14.36
C ALA A 27 -8.09 -1.40 13.97
N ASP A 28 -8.09 -2.45 13.13
CA ASP A 28 -9.32 -3.11 12.70
C ASP A 28 -9.02 -4.57 12.48
N PRO A 29 -9.14 -5.40 13.52
CA PRO A 29 -8.87 -6.84 13.36
C PRO A 29 -9.81 -7.54 12.38
N GLY A 30 -10.96 -6.95 12.07
CA GLY A 30 -11.90 -7.49 11.11
C GLY A 30 -11.78 -6.93 9.71
N ALA A 31 -10.70 -6.21 9.41
CA ALA A 31 -10.61 -5.54 8.11
C ALA A 31 -10.63 -6.52 6.95
N ALA A 32 -10.19 -7.76 7.17
CA ALA A 32 -10.17 -8.75 6.10
C ALA A 32 -11.56 -9.01 5.51
N ARG A 33 -12.62 -8.78 6.30
CA ARG A 33 -14.00 -8.98 5.83
C ARG A 33 -14.55 -7.80 5.05
N ARG A 34 -13.83 -6.65 5.00
CA ARG A 34 -14.34 -5.40 4.46
C ARG A 34 -13.71 -5.07 3.10
N ARG A 35 -13.99 -3.86 2.61
CA ARG A 35 -13.43 -3.33 1.37
C ARG A 35 -12.15 -2.59 1.69
N VAL A 36 -11.02 -3.11 1.25
CA VAL A 36 -9.70 -2.58 1.64
C VAL A 36 -8.93 -2.11 0.42
N THR A 37 -8.38 -0.88 0.49
CA THR A 37 -7.51 -0.35 -0.55
C THR A 37 -6.18 0.03 0.08
N PHE A 38 -5.08 -0.46 -0.49
CA PHE A 38 -3.73 -0.03 -0.17
C PHE A 38 -3.30 0.96 -1.26
N ASP A 39 -2.71 2.07 -0.83
CA ASP A 39 -2.21 3.12 -1.75
C ASP A 39 -0.73 3.37 -1.46
N VAL A 40 0.14 3.08 -2.43
CA VAL A 40 1.56 3.31 -2.30
C VAL A 40 1.92 4.45 -3.24
N THR A 41 2.48 5.54 -2.71
CA THR A 41 2.74 6.72 -3.52
C THR A 41 4.08 7.34 -3.12
N GLY A 42 4.81 7.85 -4.09
CA GLY A 42 6.05 8.51 -3.78
C GLY A 42 6.71 9.09 -5.02
N PRO A 43 7.80 9.83 -4.81
CA PRO A 43 8.41 10.55 -5.94
C PRO A 43 9.33 9.68 -6.76
N ASP A 44 10.00 8.72 -6.14
CA ASP A 44 11.02 7.94 -6.84
C ASP A 44 10.33 6.68 -7.33
N ALA A 45 10.26 6.51 -8.65
CA ALA A 45 9.49 5.40 -9.23
C ALA A 45 9.98 4.05 -8.71
N ALA A 46 11.28 3.91 -8.48
CA ALA A 46 11.83 2.61 -8.09
C ALA A 46 11.55 2.28 -6.62
N ARG A 47 11.65 3.26 -5.73
CA ARG A 47 11.33 3.01 -4.30
C ARG A 47 9.82 2.77 -4.16
N VAL A 48 9.03 3.42 -5.02
CA VAL A 48 7.59 3.21 -4.97
C VAL A 48 7.26 1.77 -5.34
N GLN A 49 7.88 1.27 -6.40
CA GLN A 49 7.61 -0.10 -6.83
C GLN A 49 8.18 -1.11 -5.83
N ALA A 50 9.30 -0.79 -5.18
CA ALA A 50 9.85 -1.68 -4.17
C ALA A 50 8.87 -1.87 -3.01
N LEU A 51 8.25 -0.78 -2.55
CA LEU A 51 7.28 -0.87 -1.46
C LEU A 51 5.98 -1.56 -1.93
N ALA A 52 5.54 -1.29 -3.16
CA ALA A 52 4.38 -2.00 -3.69
C ALA A 52 4.63 -3.50 -3.72
N ASP A 53 5.82 -3.92 -4.15
CA ASP A 53 6.15 -5.34 -4.17
C ASP A 53 6.11 -5.93 -2.76
N ALA A 54 6.55 -5.16 -1.77
CA ALA A 54 6.52 -5.63 -0.38
C ALA A 54 5.10 -5.76 0.14
N VAL A 55 4.19 -4.89 -0.30
CA VAL A 55 2.80 -5.01 0.11
C VAL A 55 2.18 -6.25 -0.49
N VAL A 56 2.47 -6.53 -1.76
CA VAL A 56 1.97 -7.75 -2.38
C VAL A 56 2.44 -8.98 -1.61
N ALA A 57 3.71 -8.99 -1.21
CA ALA A 57 4.27 -10.14 -0.50
C ALA A 57 3.63 -10.32 0.88
N ALA A 58 3.42 -9.22 1.61
CA ALA A 58 2.85 -9.31 2.94
C ALA A 58 1.42 -9.81 2.89
N LEU A 59 0.65 -9.35 1.89
CA LEU A 59 -0.73 -9.79 1.75
C LEU A 59 -0.79 -11.25 1.30
N GLU A 60 0.11 -11.64 0.41
CA GLU A 60 0.14 -13.03 -0.03
C GLU A 60 0.35 -13.97 1.15
N ARG A 61 1.16 -13.56 2.13
CA ARG A 61 1.36 -14.43 3.27
C ARG A 61 0.12 -14.52 4.17
N GLU A 62 -0.71 -13.49 4.19
CA GLU A 62 -1.97 -13.54 4.91
C GLU A 62 -3.03 -14.32 4.15
N GLY A 63 -2.72 -14.80 2.95
CA GLY A 63 -3.70 -15.46 2.10
C GLY A 63 -4.46 -14.59 1.13
N PHE A 64 -4.03 -13.36 0.85
CA PHE A 64 -4.74 -12.43 -0.03
C PHE A 64 -3.95 -12.26 -1.32
N LYS A 65 -4.43 -12.89 -2.40
CA LYS A 65 -3.73 -12.89 -3.68
C LYS A 65 -4.11 -11.65 -4.47
N LEU A 66 -3.12 -11.02 -5.09
CA LEU A 66 -3.30 -9.83 -5.91
C LEU A 66 -2.85 -10.14 -7.33
N GLU A 67 -3.53 -9.55 -8.31
CA GLU A 67 -3.16 -9.66 -9.71
C GLU A 67 -2.91 -8.26 -10.24
N LYS A 68 -1.79 -8.06 -10.92
CA LYS A 68 -1.55 -6.79 -11.60
C LYS A 68 -2.56 -6.64 -12.72
N LYS A 69 -3.39 -5.62 -12.64
CA LYS A 69 -4.42 -5.40 -13.64
C LYS A 69 -4.01 -4.43 -14.73
N GLU A 70 -3.10 -3.49 -14.45
CA GLU A 70 -2.89 -2.38 -15.36
C GLU A 70 -1.61 -1.65 -14.99
N GLU A 71 -0.95 -1.08 -16.00
CA GLU A 71 0.12 -0.12 -15.83
C GLU A 71 -0.32 1.17 -16.49
N ASN A 72 0.14 2.30 -15.98
CA ASN A 72 -0.34 3.54 -16.59
C ASN A 72 0.66 4.67 -16.40
N THR A 73 0.43 5.75 -17.15
CA THR A 73 1.26 6.95 -17.12
C THR A 73 0.32 8.14 -17.29
N ASP A 74 0.32 9.08 -16.34
CA ASP A 74 -0.61 10.19 -16.43
C ASP A 74 0.02 11.32 -17.25
N ALA A 75 -0.64 12.49 -17.25
CA ALA A 75 -0.21 13.56 -18.15
C ALA A 75 1.18 14.05 -17.78
N ALA A 76 1.48 14.13 -16.48
CA ALA A 76 2.81 14.55 -16.05
C ALA A 76 3.88 13.51 -16.37
N GLY A 77 3.51 12.32 -16.83
CA GLY A 77 4.47 11.27 -17.02
C GLY A 77 4.72 10.40 -15.81
N ASN A 78 3.98 10.63 -14.71
CA ASN A 78 4.12 9.82 -13.51
C ASN A 78 3.63 8.40 -13.79
N ALA A 79 4.47 7.40 -13.48
CA ALA A 79 4.07 6.03 -13.68
C ALA A 79 3.12 5.57 -12.58
N GLY A 80 2.25 4.61 -12.92
CA GLY A 80 1.35 4.05 -11.94
C GLY A 80 0.94 2.63 -12.29
N ALA A 81 0.27 2.01 -11.34
CA ALA A 81 -0.20 0.64 -11.55
C ALA A 81 -1.34 0.37 -10.59
N LYS A 82 -2.18 -0.60 -10.97
CA LYS A 82 -3.30 -1.07 -10.16
C LYS A 82 -3.25 -2.58 -10.04
N TYR A 83 -3.47 -3.07 -8.82
CA TYR A 83 -3.52 -4.52 -8.54
C TYR A 83 -4.88 -4.77 -7.88
N GLU A 84 -5.56 -5.85 -8.23
CA GLU A 84 -6.80 -6.17 -7.54
C GLU A 84 -6.81 -7.61 -7.06
N GLY A 85 -7.53 -7.82 -5.96
CA GLY A 85 -7.78 -9.16 -5.43
C GLY A 85 -9.25 -9.42 -5.25
N GLU A 86 -9.59 -10.50 -4.55
CA GLU A 86 -11.00 -10.77 -4.30
C GLU A 86 -11.56 -9.79 -3.28
N GLY A 87 -12.89 -9.71 -3.25
CA GLY A 87 -13.55 -8.92 -2.23
C GLY A 87 -13.25 -7.44 -2.33
N GLY A 88 -12.90 -6.95 -3.51
CA GLY A 88 -12.67 -5.52 -3.65
C GLY A 88 -11.33 -5.07 -3.13
N LEU A 89 -10.43 -6.00 -2.82
CA LEU A 89 -9.08 -5.62 -2.41
C LEU A 89 -8.38 -4.95 -3.58
N VAL A 90 -7.75 -3.80 -3.33
CA VAL A 90 -7.06 -3.05 -4.38
C VAL A 90 -5.73 -2.57 -3.82
N LEU A 91 -4.71 -2.56 -4.68
CA LEU A 91 -3.42 -1.91 -4.37
C LEU A 91 -3.17 -0.92 -5.51
N ASN A 92 -3.24 0.37 -5.20
CA ASN A 92 -2.94 1.44 -6.18
C ASN A 92 -1.49 1.91 -6.00
N VAL A 93 -0.76 2.03 -7.11
CA VAL A 93 0.64 2.44 -7.08
C VAL A 93 0.79 3.68 -7.95
N LYS A 94 1.33 4.76 -7.39
CA LYS A 94 1.29 6.05 -8.09
C LYS A 94 2.52 6.89 -7.77
N GLN A 95 3.14 7.45 -8.79
CA GLN A 95 4.28 8.34 -8.60
C GLN A 95 3.77 9.75 -8.35
N GLY A 96 4.36 10.44 -7.38
CA GLY A 96 3.92 11.77 -7.02
C GLY A 96 4.89 12.46 -6.10
N PRO A 97 4.79 13.79 -6.02
CA PRO A 97 5.86 14.55 -5.34
C PRO A 97 5.96 14.31 -3.84
N GLU A 98 4.88 13.93 -3.18
CA GLU A 98 4.88 13.81 -1.72
C GLU A 98 5.82 12.67 -1.29
N ALA A 99 6.28 12.73 -0.04
CA ALA A 99 7.17 11.70 0.48
C ALA A 99 6.51 10.31 0.39
N LEU A 100 7.37 9.29 0.20
CA LEU A 100 6.90 7.91 0.06
C LEU A 100 5.95 7.54 1.19
N THR A 101 4.75 7.12 0.83
CA THR A 101 3.69 6.86 1.80
C THR A 101 2.96 5.59 1.41
N LEU A 102 2.55 4.84 2.43
CA LEU A 102 1.66 3.70 2.27
C LEU A 102 0.45 3.99 3.13
N LYS A 103 -0.72 4.02 2.49
CA LYS A 103 -1.99 4.27 3.20
C LYS A 103 -2.94 3.08 3.05
N ILE A 104 -3.69 2.76 4.09
CA ILE A 104 -4.70 1.70 4.03
C ILE A 104 -6.06 2.32 4.35
N THR A 105 -7.01 2.11 3.46
CA THR A 105 -8.36 2.63 3.58
C THR A 105 -9.30 1.44 3.72
N VAL A 106 -10.20 1.49 4.71
CA VAL A 106 -11.09 0.38 4.98
C VAL A 106 -12.49 0.95 4.95
N ASP A 107 -13.32 0.40 4.06
CA ASP A 107 -14.66 0.94 3.83
C ASP A 107 -14.64 2.45 3.65
N GLY A 108 -13.70 2.93 2.83
CA GLY A 108 -13.64 4.34 2.50
C GLY A 108 -12.96 5.24 3.51
N ARG A 109 -12.49 4.70 4.64
CA ARG A 109 -11.87 5.54 5.68
C ARG A 109 -10.40 5.19 5.86
N THR A 110 -9.54 6.21 5.90
CA THR A 110 -8.12 5.95 6.09
C THR A 110 -7.86 5.47 7.51
N ILE A 111 -7.29 4.27 7.62
CA ILE A 111 -7.05 3.62 8.89
C ILE A 111 -5.57 3.61 9.25
N VAL A 112 -4.68 3.48 8.27
CA VAL A 112 -3.25 3.38 8.51
C VAL A 112 -2.54 4.27 7.51
N GLU A 113 -1.54 5.00 7.98
CA GLU A 113 -0.65 5.77 7.12
C GLU A 113 0.77 5.52 7.61
N ILE A 114 1.66 5.15 6.71
CA ILE A 114 3.08 5.06 7.06
C ILE A 114 3.87 5.96 6.13
N VAL A 115 4.60 6.91 6.70
CA VAL A 115 5.39 7.87 5.92
C VAL A 115 6.87 7.65 6.22
N ARG A 116 7.69 7.68 5.17
CA ARG A 116 9.13 7.55 5.29
C ARG A 116 9.79 8.90 5.60
#